data_9Q0S
#
_entry.id   9Q0S
#
_cell.length_a   145.544
_cell.length_b   145.544
_cell.length_c   145.544
_cell.angle_alpha   90.000
_cell.angle_beta   90.000
_cell.angle_gamma   90.000
#
_symmetry.space_group_name_H-M   'I 2 3'
#
loop_
_entity.id
_entity.type
_entity.pdbx_description
1 polymer 'Epidermal growth factor receptor'
2 non-polymer N-(3-bromo-2-fluorophenyl)-7,8-dihydro[1,4]dioxino[2,3-g]quinazolin-4-amine
3 water water
#
_entity_poly.entity_id   1
_entity_poly.type   'polypeptide(L)'
_entity_poly.pdbx_seq_one_letter_code
;GEAPNQALLRILKETEFKKIKVLGSGAFGTVYKGLWIPEGEKVKIPVAIKELREATSPKANKEILDEAYVMASVDNPHVC
RLLGICLTSTVQLITQLMPFGCLLDYVREHKDNIGSQYLLNWCVQIAKGMNYLEDRRLVHRDLAARNVLVKTPQHVKITD
FGLAKLLGAEEKEYHAEGGKVPIKWMALESILHRIYTHQSDVWSYGVTVWELMTFGSKPYDGIPASEISSILEKGERLPQ
PPICTIDVYMIMVKCWMIDADSRPKFRELIIEFSKMARDPQRYLVIQGDERMHLPSPTDSNFYRALMDEEDMDDVVDADE
YLIPQQG
;
_entity_poly.pdbx_strand_id   A
#
loop_
_chem_comp.id
_chem_comp.type
_chem_comp.name
_chem_comp.formula
A1CNG non-polymer N-(3-bromo-2-fluorophenyl)-7,8-dihydro[1,4]dioxino[2,3-g]quinazolin-4-amine 'C16 H11 Br F N3 O2'
#
# COMPACT_ATOMS: atom_id res chain seq x y z
N GLY A 1 23.61 8.02 -14.74
CA GLY A 1 23.37 9.25 -14.02
C GLY A 1 21.97 9.44 -13.45
N GLU A 2 21.63 8.72 -12.37
CA GLU A 2 20.48 9.04 -11.55
C GLU A 2 20.87 10.08 -10.50
N ALA A 3 19.88 10.61 -9.76
CA ALA A 3 20.16 11.64 -8.78
C ALA A 3 20.63 11.04 -7.44
N PRO A 4 21.52 11.74 -6.73
CA PRO A 4 22.00 11.25 -5.42
C PRO A 4 20.87 11.18 -4.39
N ASN A 5 20.70 10.01 -3.80
CA ASN A 5 19.65 9.80 -2.81
C ASN A 5 20.12 10.30 -1.45
N GLN A 6 19.89 11.58 -1.18
CA GLN A 6 20.34 12.21 0.04
C GLN A 6 19.36 12.08 1.20
N ALA A 7 18.53 11.05 1.20
CA ALA A 7 17.72 10.77 2.39
C ALA A 7 18.61 10.54 3.60
N LEU A 8 18.06 10.81 4.77
CA LEU A 8 18.74 10.57 6.04
C LEU A 8 18.22 9.29 6.66
N LEU A 9 19.15 8.48 7.20
CA LEU A 9 18.79 7.28 7.96
C LEU A 9 19.01 7.59 9.43
N ARG A 10 17.91 7.66 10.19
CA ARG A 10 17.99 8.00 11.61
C ARG A 10 18.18 6.74 12.44
N ILE A 11 19.19 6.74 13.30
CA ILE A 11 19.49 5.64 14.22
C ILE A 11 18.98 6.05 15.59
N LEU A 12 18.06 5.25 16.15
CA LEU A 12 17.37 5.58 17.40
C LEU A 12 17.91 4.75 18.57
N LYS A 13 18.15 5.41 19.70
CA LYS A 13 18.47 4.68 20.93
C LYS A 13 17.24 3.95 21.43
N GLU A 14 17.40 2.68 21.82
CA GLU A 14 16.22 1.93 22.25
C GLU A 14 15.65 2.45 23.56
N THR A 15 16.44 3.21 24.30
CA THR A 15 15.90 3.92 25.46
C THR A 15 14.90 4.98 25.08
N GLU A 16 14.96 5.49 23.84
CA GLU A 16 14.06 6.54 23.37
C GLU A 16 12.63 6.08 23.19
N PHE A 17 12.37 4.77 23.15
CA PHE A 17 11.01 4.38 22.86
C PHE A 17 10.58 3.17 23.66
N LYS A 18 9.33 3.19 24.09
CA LYS A 18 8.74 2.22 25.00
C LYS A 18 7.73 1.39 24.22
N LYS A 19 8.05 0.09 24.02
CA LYS A 19 7.08 -0.86 23.47
C LYS A 19 5.87 -0.95 24.38
N ILE A 20 4.77 -1.49 23.84
CA ILE A 20 3.50 -1.38 24.57
C ILE A 20 2.62 -2.62 24.36
N LYS A 21 2.68 -3.23 23.18
CA LYS A 21 1.75 -4.29 22.83
C LYS A 21 2.19 -4.94 21.52
N VAL A 22 2.01 -6.24 21.42
CA VAL A 22 2.28 -6.92 20.17
C VAL A 22 1.09 -6.73 19.24
N LEU A 23 1.37 -6.58 17.95
CA LEU A 23 0.33 -6.50 16.93
C LEU A 23 0.38 -7.66 15.94
N GLY A 24 1.47 -8.40 15.87
CA GLY A 24 1.60 -9.49 14.93
C GLY A 24 2.83 -10.35 15.14
N THR A 30 7.50 -10.09 13.62
CA THR A 30 6.81 -9.40 14.71
C THR A 30 6.74 -7.87 14.58
N VAL A 31 5.53 -7.31 14.71
CA VAL A 31 5.33 -5.86 14.74
C VAL A 31 4.66 -5.50 16.06
N TYR A 32 5.21 -4.50 16.75
CA TYR A 32 4.65 -4.00 18.00
C TYR A 32 4.17 -2.57 17.80
N LYS A 33 3.26 -2.15 18.67
CA LYS A 33 2.94 -0.74 18.80
C LYS A 33 3.71 -0.19 19.99
N GLY A 34 3.88 1.12 20.03
CA GLY A 34 4.62 1.71 21.11
C GLY A 34 4.68 3.20 20.97
N LEU A 35 5.58 3.81 21.73
CA LEU A 35 5.67 5.25 21.82
C LEU A 35 7.12 5.64 21.75
N TRP A 36 7.44 6.65 20.95
CA TRP A 36 8.80 7.11 20.77
C TRP A 36 8.91 8.53 21.31
N ILE A 37 9.81 8.74 22.26
CA ILE A 37 10.12 10.07 22.77
C ILE A 37 11.46 10.48 22.17
N PRO A 38 11.48 11.38 21.19
CA PRO A 38 12.76 11.86 20.69
C PRO A 38 13.61 12.45 21.80
N GLU A 39 14.91 12.57 21.50
CA GLU A 39 15.96 12.94 22.44
C GLU A 39 15.73 14.30 23.09
N GLY A 40 15.22 14.31 24.33
CA GLY A 40 15.02 15.54 25.06
C GLY A 40 14.04 16.52 24.45
N GLU A 41 13.36 16.10 23.38
CA GLU A 41 12.26 16.87 22.82
C GLU A 41 10.99 16.53 23.58
N LYS A 42 10.14 17.53 23.76
CA LYS A 42 8.96 17.36 24.59
C LYS A 42 7.79 16.86 23.74
N VAL A 43 7.96 15.65 23.17
CA VAL A 43 6.97 15.04 22.29
C VAL A 43 6.93 13.54 22.53
N LYS A 44 5.79 12.94 22.21
CA LYS A 44 5.60 11.49 22.21
C LYS A 44 5.01 11.10 20.86
N ILE A 45 5.67 10.22 20.13
CA ILE A 45 5.26 9.87 18.79
C ILE A 45 4.71 8.44 18.81
N PRO A 46 3.43 8.23 18.46
CA PRO A 46 2.91 6.86 18.30
C PRO A 46 3.57 6.16 17.12
N VAL A 47 4.11 4.96 17.38
CA VAL A 47 4.98 4.28 16.44
C VAL A 47 4.66 2.79 16.41
N ALA A 48 4.80 2.21 15.22
CA ALA A 48 4.91 0.76 15.07
C ALA A 48 6.38 0.40 14.92
N ILE A 49 6.73 -0.80 15.39
CA ILE A 49 8.11 -1.28 15.48
C ILE A 49 8.16 -2.70 14.91
N LYS A 50 9.00 -2.90 13.90
CA LYS A 50 9.09 -4.18 13.19
C LYS A 50 10.45 -4.82 13.47
N GLU A 51 10.44 -6.08 13.94
CA GLU A 51 11.68 -6.84 14.23
C GLU A 51 11.93 -7.99 13.24
N SER A 57 19.30 -15.61 9.87
CA SER A 57 19.39 -14.24 10.41
C SER A 57 20.15 -13.34 9.43
N PRO A 58 21.45 -13.53 9.12
CA PRO A 58 22.20 -12.61 8.23
C PRO A 58 21.38 -12.26 7.00
N LYS A 59 20.85 -13.27 6.32
CA LYS A 59 20.07 -13.02 5.07
C LYS A 59 18.88 -12.14 5.41
N ALA A 60 18.19 -12.46 6.50
CA ALA A 60 17.01 -11.69 6.84
C ALA A 60 17.36 -10.21 7.07
N ASN A 61 18.40 -9.95 7.88
CA ASN A 61 18.89 -8.58 8.10
C ASN A 61 19.14 -7.86 6.78
N LYS A 62 19.85 -8.51 5.86
CA LYS A 62 20.05 -7.96 4.51
C LYS A 62 18.74 -7.47 3.89
N GLU A 63 17.63 -8.11 4.21
CA GLU A 63 16.38 -7.75 3.57
C GLU A 63 15.62 -6.65 4.32
N ILE A 64 15.59 -6.69 5.66
CA ILE A 64 14.91 -5.63 6.38
C ILE A 64 15.64 -4.31 6.19
N LEU A 65 16.96 -4.33 5.99
CA LEU A 65 17.67 -3.09 5.67
C LEU A 65 17.32 -2.61 4.27
N ASP A 66 17.02 -3.52 3.35
CA ASP A 66 16.49 -3.10 2.06
C ASP A 66 15.18 -2.37 2.24
N GLU A 67 14.31 -2.90 3.10
CA GLU A 67 13.01 -2.26 3.30
C GLU A 67 13.20 -0.88 3.92
N ALA A 68 14.13 -0.76 4.87
CA ALA A 68 14.37 0.53 5.51
C ALA A 68 14.99 1.52 4.54
N TYR A 69 15.81 1.03 3.60
CA TYR A 69 16.36 1.92 2.59
C TYR A 69 15.26 2.56 1.76
N VAL A 70 14.33 1.75 1.23
CA VAL A 70 13.23 2.31 0.45
C VAL A 70 12.38 3.24 1.31
N MET A 71 11.97 2.75 2.49
CA MET A 71 11.04 3.49 3.34
C MET A 71 11.63 4.82 3.83
N ALA A 72 12.96 4.91 3.95
CA ALA A 72 13.62 6.18 4.28
C ALA A 72 13.70 7.14 3.09
N SER A 73 13.48 6.65 1.88
CA SER A 73 13.67 7.44 0.68
C SER A 73 12.39 8.03 0.11
N VAL A 74 11.24 7.78 0.74
CA VAL A 74 9.96 8.30 0.25
C VAL A 74 9.42 9.35 1.23
N ASP A 75 8.82 10.41 0.70
CA ASP A 75 8.19 11.46 1.52
C ASP A 75 6.93 11.93 0.81
N ASN A 76 5.80 11.32 1.12
CA ASN A 76 4.54 11.66 0.50
C ASN A 76 3.40 11.33 1.45
N PRO A 77 2.33 12.12 1.45
CA PRO A 77 1.24 11.87 2.43
C PRO A 77 0.53 10.55 2.25
N HIS A 78 0.78 9.80 1.17
CA HIS A 78 0.12 8.53 0.98
C HIS A 78 1.10 7.37 0.87
N VAL A 79 2.30 7.52 1.41
CA VAL A 79 3.24 6.42 1.59
C VAL A 79 3.77 6.49 3.02
N CYS A 80 3.93 5.32 3.64
CA CYS A 80 4.52 5.26 4.98
C CYS A 80 6.02 5.53 4.89
N ARG A 81 6.51 6.50 5.67
CA ARG A 81 7.94 6.76 5.74
C ARG A 81 8.54 6.15 7.00
N LEU A 82 9.79 5.70 6.89
CA LEU A 82 10.58 5.25 8.03
C LEU A 82 10.91 6.40 8.96
N LEU A 83 10.58 6.25 10.25
CA LEU A 83 11.07 7.19 11.25
C LEU A 83 12.53 6.88 11.62
N GLY A 84 12.89 5.62 11.74
CA GLY A 84 14.28 5.29 12.02
C GLY A 84 14.45 3.81 12.22
N ILE A 85 15.71 3.42 12.45
CA ILE A 85 16.00 2.04 12.83
C ILE A 85 16.68 2.05 14.19
N CYS A 86 16.68 0.88 14.81
CA CYS A 86 17.34 0.68 16.09
C CYS A 86 18.20 -0.56 15.95
N LEU A 87 19.51 -0.40 16.19
CA LEU A 87 20.48 -1.48 16.01
C LEU A 87 20.88 -2.02 17.39
N THR A 88 19.92 -2.68 18.01
CA THR A 88 20.17 -3.40 19.25
C THR A 88 20.57 -4.83 18.89
N SER A 89 20.41 -5.78 19.81
CA SER A 89 20.68 -7.17 19.47
C SER A 89 19.85 -7.63 18.27
N THR A 90 18.80 -6.90 17.92
CA THR A 90 18.01 -7.14 16.73
C THR A 90 17.84 -5.84 15.97
N VAL A 91 17.50 -5.95 14.69
CA VAL A 91 17.30 -4.79 13.84
C VAL A 91 15.80 -4.49 13.78
N GLN A 92 15.42 -3.32 14.30
CA GLN A 92 14.03 -2.87 14.37
C GLN A 92 13.82 -1.70 13.42
N LEU A 93 12.72 -1.76 12.65
CA LEU A 93 12.26 -0.58 11.91
C LEU A 93 11.20 0.14 12.73
N ILE A 94 11.27 1.47 12.74
CA ILE A 94 10.37 2.33 13.51
C ILE A 94 9.60 3.16 12.51
N THR A 95 8.28 3.05 12.51
CA THR A 95 7.48 3.84 11.62
C THR A 95 6.28 4.40 12.36
N GLN A 96 5.59 5.34 11.70
CA GLN A 96 4.38 5.93 12.24
C GLN A 96 3.30 4.88 12.46
N LEU A 97 2.70 4.88 13.65
CA LEU A 97 1.59 4.00 13.95
C LEU A 97 0.37 4.36 13.11
N MET A 98 -0.18 3.37 12.41
CA MET A 98 -1.39 3.53 11.63
C MET A 98 -2.51 2.88 12.42
N PRO A 99 -3.22 3.63 13.25
CA PRO A 99 -4.00 3.02 14.34
C PRO A 99 -5.12 2.10 13.87
N PHE A 100 -5.72 2.38 12.72
CA PHE A 100 -6.89 1.59 12.24
C PHE A 100 -6.41 0.34 11.52
N GLY A 101 -5.11 0.28 11.20
CA GLY A 101 -4.52 -0.94 10.65
C GLY A 101 -4.65 -1.15 9.16
N CYS A 102 -4.79 -2.41 8.75
CA CYS A 102 -4.87 -2.81 7.34
C CYS A 102 -6.22 -2.43 6.71
N LEU A 103 -6.20 -1.86 5.51
CA LEU A 103 -7.45 -1.53 4.78
C LEU A 103 -8.14 -2.85 4.43
N LEU A 104 -7.37 -3.92 4.22
CA LEU A 104 -8.11 -5.14 3.92
C LEU A 104 -8.96 -5.59 5.10
N ASP A 105 -8.39 -5.58 6.31
CA ASP A 105 -9.18 -5.89 7.49
C ASP A 105 -10.24 -4.81 7.75
N TYR A 106 -9.86 -3.55 7.57
CA TYR A 106 -10.79 -2.47 7.89
C TYR A 106 -12.04 -2.59 7.03
N VAL A 107 -11.86 -3.01 5.78
CA VAL A 107 -12.99 -3.07 4.87
C VAL A 107 -13.88 -4.25 5.22
N ARG A 108 -13.28 -5.41 5.55
CA ARG A 108 -14.06 -6.55 5.98
C ARG A 108 -14.79 -6.29 7.30
N GLU A 109 -14.18 -5.53 8.19
CA GLU A 109 -14.74 -5.34 9.52
C GLU A 109 -15.90 -4.37 9.53
N HIS A 110 -15.95 -3.44 8.59
CA HIS A 110 -16.95 -2.38 8.62
C HIS A 110 -17.78 -2.35 7.35
N LYS A 111 -17.88 -3.49 6.66
CA LYS A 111 -18.52 -3.53 5.34
C LYS A 111 -19.92 -2.93 5.38
N ASP A 112 -20.63 -3.08 6.51
CA ASP A 112 -22.00 -2.61 6.58
C ASP A 112 -22.05 -1.13 6.98
N ASN A 113 -21.00 -0.38 6.63
CA ASN A 113 -20.84 0.93 7.22
C ASN A 113 -19.93 1.82 6.40
N ILE A 114 -19.50 1.33 5.23
CA ILE A 114 -18.57 2.04 4.38
C ILE A 114 -19.35 2.61 3.21
N GLY A 115 -19.35 3.93 3.07
CA GLY A 115 -20.05 4.58 1.99
C GLY A 115 -19.21 4.78 0.72
N SER A 116 -19.90 5.13 -0.37
CA SER A 116 -19.23 5.32 -1.65
C SER A 116 -18.17 6.42 -1.59
N GLN A 117 -18.36 7.43 -0.74
CA GLN A 117 -17.41 8.53 -0.65
C GLN A 117 -16.05 8.04 -0.16
N TYR A 118 -16.06 7.22 0.88
CA TYR A 118 -14.84 6.60 1.39
C TYR A 118 -14.18 5.71 0.33
N LEU A 119 -14.96 4.83 -0.32
CA LEU A 119 -14.38 3.91 -1.28
C LEU A 119 -13.66 4.66 -2.40
N LEU A 120 -14.30 5.67 -2.96
CA LEU A 120 -13.67 6.40 -4.06
C LEU A 120 -12.50 7.24 -3.59
N ASN A 121 -12.61 7.83 -2.39
CA ASN A 121 -11.50 8.59 -1.86
C ASN A 121 -10.30 7.68 -1.60
N TRP A 122 -10.53 6.45 -1.14
CA TRP A 122 -9.40 5.54 -0.98
C TRP A 122 -8.71 5.29 -2.31
N CYS A 123 -9.50 5.02 -3.36
CA CYS A 123 -8.92 4.83 -4.70
C CYS A 123 -8.05 6.00 -5.11
N VAL A 124 -8.49 7.23 -4.82
CA VAL A 124 -7.74 8.41 -5.22
C VAL A 124 -6.41 8.47 -4.47
N GLN A 125 -6.46 8.26 -3.16
CA GLN A 125 -5.26 8.39 -2.35
C GLN A 125 -4.24 7.33 -2.72
N ILE A 126 -4.69 6.12 -3.03
CA ILE A 126 -3.77 5.05 -3.40
C ILE A 126 -3.12 5.35 -4.75
N ALA A 127 -3.92 5.85 -5.71
CA ALA A 127 -3.38 6.32 -6.97
C ALA A 127 -2.36 7.43 -6.76
N LYS A 128 -2.64 8.38 -5.85
CA LYS A 128 -1.68 9.43 -5.51
C LYS A 128 -0.38 8.85 -4.98
N GLY A 129 -0.46 7.94 -4.00
CA GLY A 129 0.75 7.29 -3.50
C GLY A 129 1.54 6.62 -4.60
N MET A 130 0.84 5.88 -5.47
CA MET A 130 1.52 5.16 -6.54
C MET A 130 2.11 6.12 -7.57
N ASN A 131 1.37 7.18 -7.93
CA ASN A 131 1.95 8.20 -8.81
C ASN A 131 3.24 8.77 -8.21
N TYR A 132 3.26 8.98 -6.89
CA TYR A 132 4.46 9.50 -6.27
C TYR A 132 5.61 8.50 -6.39
N LEU A 133 5.33 7.21 -6.15
CA LEU A 133 6.39 6.22 -6.29
C LEU A 133 6.90 6.16 -7.72
N GLU A 134 6.00 6.29 -8.70
CA GLU A 134 6.42 6.34 -10.09
C GLU A 134 7.32 7.56 -10.33
N ASP A 135 6.96 8.71 -9.74
CA ASP A 135 7.84 9.87 -9.73
C ASP A 135 9.26 9.52 -9.28
N ARG A 136 9.39 8.71 -8.23
CA ARG A 136 10.69 8.33 -7.71
C ARG A 136 11.25 7.13 -8.44
N ARG A 137 10.76 6.86 -9.66
CA ARG A 137 11.23 5.75 -10.49
C ARG A 137 11.24 4.46 -9.66
N LEU A 138 10.14 4.24 -8.94
CA LEU A 138 10.06 3.18 -7.94
C LEU A 138 8.93 2.24 -8.27
N VAL A 139 9.21 0.93 -8.30
CA VAL A 139 8.22 -0.09 -8.61
C VAL A 139 7.93 -0.89 -7.35
N HIS A 140 6.66 -0.90 -6.92
CA HIS A 140 6.31 -1.46 -5.62
C HIS A 140 6.41 -2.99 -5.62
N ARG A 141 5.78 -3.63 -6.62
CA ARG A 141 5.71 -5.07 -6.87
C ARG A 141 4.85 -5.83 -5.87
N ASP A 142 4.28 -5.18 -4.87
CA ASP A 142 3.38 -5.90 -3.97
C ASP A 142 2.24 -5.00 -3.52
N LEU A 143 1.76 -4.14 -4.42
CA LEU A 143 0.55 -3.36 -4.14
C LEU A 143 -0.64 -4.29 -3.93
N ALA A 144 -1.34 -4.10 -2.81
CA ALA A 144 -2.45 -4.94 -2.42
C ALA A 144 -3.14 -4.26 -1.25
N ALA A 145 -4.41 -4.62 -1.04
CA ALA A 145 -5.15 -4.00 0.05
C ALA A 145 -4.55 -4.37 1.41
N ARG A 146 -3.87 -5.52 1.49
CA ARG A 146 -3.21 -5.89 2.74
C ARG A 146 -2.00 -5.01 3.02
N ASN A 147 -1.48 -4.29 2.02
CA ASN A 147 -0.34 -3.40 2.21
C ASN A 147 -0.72 -1.93 2.12
N VAL A 148 -2.00 -1.59 2.33
CA VAL A 148 -2.42 -0.21 2.54
C VAL A 148 -2.83 -0.10 3.99
N LEU A 149 -2.28 0.87 4.70
CA LEU A 149 -2.61 1.07 6.09
C LEU A 149 -3.52 2.28 6.21
N VAL A 150 -4.16 2.40 7.38
CA VAL A 150 -5.24 3.34 7.61
C VAL A 150 -4.85 4.21 8.81
N LYS A 151 -4.53 5.47 8.55
CA LYS A 151 -4.18 6.38 9.63
C LYS A 151 -5.44 6.84 10.36
N THR A 152 -6.37 7.41 9.60
CA THR A 152 -7.77 7.64 9.96
C THR A 152 -8.61 7.03 8.85
N PRO A 153 -9.91 6.85 9.08
CA PRO A 153 -10.78 6.36 7.99
C PRO A 153 -10.75 7.22 6.72
N GLN A 154 -10.36 8.48 6.83
CA GLN A 154 -10.26 9.34 5.68
C GLN A 154 -8.84 9.45 5.11
N HIS A 155 -7.88 8.64 5.56
CA HIS A 155 -6.50 8.87 5.17
C HIS A 155 -5.70 7.57 5.21
N VAL A 156 -5.44 7.01 4.05
CA VAL A 156 -4.69 5.75 3.94
C VAL A 156 -3.32 6.04 3.34
N LYS A 157 -2.38 5.11 3.59
CA LYS A 157 -1.02 5.21 3.07
C LYS A 157 -0.53 3.84 2.64
N ILE A 158 0.23 3.79 1.53
CA ILE A 158 0.81 2.54 1.04
C ILE A 158 2.05 2.19 1.86
N THR A 159 2.26 0.91 2.11
CA THR A 159 3.38 0.49 2.91
C THR A 159 3.92 -0.83 2.35
N ASP A 160 4.77 -1.49 3.16
CA ASP A 160 5.39 -2.77 2.85
C ASP A 160 6.19 -2.70 1.56
N PHE A 161 7.45 -2.26 1.67
CA PHE A 161 8.33 -2.07 0.52
C PHE A 161 9.39 -3.15 0.39
N GLY A 162 9.23 -4.27 1.12
CA GLY A 162 10.18 -5.36 1.04
C GLY A 162 10.52 -5.81 -0.37
N LEU A 163 9.57 -5.69 -1.29
CA LEU A 163 9.81 -6.10 -2.68
C LEU A 163 10.06 -4.91 -3.60
N ALA A 164 10.03 -3.69 -3.09
CA ALA A 164 10.19 -2.52 -3.96
C ALA A 164 11.57 -2.51 -4.61
N LYS A 165 11.62 -2.13 -5.90
CA LYS A 165 12.85 -1.99 -6.66
C LYS A 165 12.88 -0.64 -7.37
N LEU A 166 14.08 -0.10 -7.57
CA LEU A 166 14.26 1.20 -8.23
C LEU A 166 14.50 1.00 -9.72
N LEU A 167 13.46 1.21 -10.52
CA LEU A 167 13.51 1.11 -11.98
C LEU A 167 14.22 2.31 -12.63
N GLU A 170 11.78 -3.26 -15.75
CA GLU A 170 11.80 -4.72 -15.63
C GLU A 170 12.45 -5.20 -14.33
N GLU A 171 12.71 -6.51 -14.24
CA GLU A 171 13.33 -7.10 -13.06
C GLU A 171 13.88 -8.51 -13.28
N LYS A 172 13.86 -9.34 -12.23
CA LYS A 172 14.27 -10.73 -12.34
C LYS A 172 13.60 -11.53 -11.21
N GLU A 173 14.22 -12.64 -10.81
CA GLU A 173 13.62 -13.66 -9.90
C GLU A 173 12.58 -13.13 -8.90
N LYS A 180 8.91 -16.53 -3.11
CA LYS A 180 7.46 -16.37 -3.05
C LYS A 180 7.01 -15.02 -3.65
N VAL A 181 5.93 -15.05 -4.42
CA VAL A 181 5.43 -13.90 -5.16
C VAL A 181 3.90 -13.85 -5.09
N PRO A 182 3.29 -12.66 -4.95
CA PRO A 182 1.81 -12.59 -4.84
C PRO A 182 1.16 -12.75 -6.19
N ILE A 183 0.74 -13.97 -6.50
CA ILE A 183 0.48 -14.31 -7.88
C ILE A 183 -0.83 -13.71 -8.37
N LYS A 184 -1.86 -13.72 -7.53
CA LYS A 184 -3.16 -13.23 -7.92
C LYS A 184 -3.26 -11.72 -8.02
N TRP A 185 -2.18 -10.99 -7.72
CA TRP A 185 -2.17 -9.54 -7.88
C TRP A 185 -1.26 -9.08 -9.01
N MET A 186 -0.68 -10.01 -9.76
CA MET A 186 0.43 -9.70 -10.64
C MET A 186 -0.02 -9.55 -12.07
N ALA A 187 0.61 -8.62 -12.79
CA ALA A 187 0.41 -8.52 -14.22
C ALA A 187 0.71 -9.87 -14.87
N LEU A 188 0.21 -10.11 -16.09
CA LEU A 188 0.49 -11.39 -16.71
C LEU A 188 1.95 -11.47 -17.14
N GLU A 189 2.49 -10.38 -17.64
CA GLU A 189 3.90 -10.34 -18.01
C GLU A 189 4.83 -10.57 -16.83
N SER A 190 4.35 -10.39 -15.58
CA SER A 190 5.16 -10.66 -14.41
C SER A 190 5.09 -12.13 -14.01
N ILE A 191 3.91 -12.74 -14.17
CA ILE A 191 3.78 -14.17 -13.96
C ILE A 191 4.63 -14.93 -14.97
N LEU A 192 4.71 -14.40 -16.19
CA LEU A 192 5.33 -15.09 -17.31
C LEU A 192 6.82 -14.81 -17.42
N HIS A 193 7.23 -13.54 -17.35
CA HIS A 193 8.60 -13.16 -17.66
C HIS A 193 9.32 -12.46 -16.51
N ARG A 194 8.77 -12.46 -15.31
CA ARG A 194 9.35 -11.71 -14.19
C ARG A 194 9.68 -10.27 -14.59
N ILE A 195 8.84 -9.70 -15.46
CA ILE A 195 8.93 -8.29 -15.84
C ILE A 195 8.04 -7.47 -14.89
N TYR A 196 8.58 -6.36 -14.38
CA TYR A 196 7.86 -5.49 -13.46
C TYR A 196 8.03 -4.04 -13.89
N THR A 197 6.92 -3.32 -14.00
CA THR A 197 6.86 -1.96 -14.52
C THR A 197 6.01 -1.14 -13.57
N HIS A 198 6.09 0.19 -13.69
CA HIS A 198 5.02 1.00 -13.14
C HIS A 198 3.67 0.54 -13.67
N GLN A 199 3.62 0.05 -14.92
CA GLN A 199 2.39 -0.47 -15.49
C GLN A 199 2.03 -1.87 -14.99
N SER A 200 2.99 -2.69 -14.57
CA SER A 200 2.57 -3.89 -13.87
C SER A 200 1.99 -3.53 -12.50
N ASP A 201 2.42 -2.40 -11.92
CA ASP A 201 1.84 -1.93 -10.67
C ASP A 201 0.39 -1.51 -10.87
N VAL A 202 0.07 -0.96 -12.05
CA VAL A 202 -1.30 -0.53 -12.34
C VAL A 202 -2.23 -1.74 -12.37
N TRP A 203 -1.77 -2.84 -12.97
CA TRP A 203 -2.51 -4.10 -12.88
C TRP A 203 -2.81 -4.43 -11.42
N SER A 204 -1.79 -4.33 -10.55
CA SER A 204 -2.02 -4.69 -9.16
C SER A 204 -2.95 -3.71 -8.48
N TYR A 205 -2.87 -2.44 -8.90
CA TYR A 205 -3.81 -1.43 -8.42
C TYR A 205 -5.24 -1.85 -8.72
N GLY A 206 -5.48 -2.36 -9.95
CA GLY A 206 -6.81 -2.82 -10.31
C GLY A 206 -7.29 -3.94 -9.41
N VAL A 207 -6.43 -4.93 -9.14
CA VAL A 207 -6.82 -6.00 -8.23
C VAL A 207 -7.13 -5.43 -6.86
N THR A 208 -6.36 -4.45 -6.41
CA THR A 208 -6.61 -3.84 -5.10
C THR A 208 -7.95 -3.12 -5.06
N VAL A 209 -8.28 -2.35 -6.10
CA VAL A 209 -9.58 -1.68 -6.14
C VAL A 209 -10.69 -2.71 -6.08
N TRP A 210 -10.49 -3.85 -6.74
CA TRP A 210 -11.47 -4.92 -6.70
C TRP A 210 -11.62 -5.49 -5.30
N GLU A 211 -10.52 -5.59 -4.55
CA GLU A 211 -10.63 -6.00 -3.16
C GLU A 211 -11.54 -5.06 -2.37
N LEU A 212 -11.39 -3.75 -2.58
CA LEU A 212 -12.14 -2.78 -1.79
C LEU A 212 -13.61 -2.75 -2.20
N MET A 213 -13.91 -2.93 -3.49
CA MET A 213 -15.29 -2.83 -3.95
C MET A 213 -16.10 -4.07 -3.62
N THR A 214 -15.44 -5.19 -3.32
CA THR A 214 -16.10 -6.40 -2.84
C THR A 214 -16.02 -6.52 -1.33
N PHE A 215 -15.54 -5.47 -0.66
CA PHE A 215 -15.41 -5.41 0.80
C PHE A 215 -14.50 -6.52 1.33
N GLY A 216 -13.50 -6.88 0.55
CA GLY A 216 -12.46 -7.75 1.00
C GLY A 216 -12.49 -9.15 0.45
N SER A 217 -13.10 -9.39 -0.70
CA SER A 217 -13.12 -10.73 -1.25
C SER A 217 -11.73 -11.15 -1.69
N LYS A 218 -11.47 -12.45 -1.63
CA LYS A 218 -10.20 -12.98 -2.09
C LYS A 218 -10.29 -13.17 -3.59
N PRO A 219 -9.38 -12.58 -4.38
CA PRO A 219 -9.48 -12.70 -5.83
C PRO A 219 -9.16 -14.10 -6.30
N TYR A 220 -9.88 -14.53 -7.33
CA TYR A 220 -9.77 -15.90 -7.83
C TYR A 220 -9.84 -16.89 -6.68
N ASP A 221 -10.76 -16.63 -5.76
CA ASP A 221 -10.92 -17.50 -4.60
C ASP A 221 -11.30 -18.91 -5.03
N GLY A 222 -10.51 -19.88 -4.58
CA GLY A 222 -10.68 -21.27 -4.93
C GLY A 222 -9.77 -21.72 -6.05
N ILE A 223 -9.22 -20.79 -6.83
CA ILE A 223 -8.40 -21.14 -7.97
C ILE A 223 -6.95 -21.24 -7.52
N PRO A 224 -6.25 -22.33 -7.81
CA PRO A 224 -4.86 -22.44 -7.39
C PRO A 224 -3.98 -21.58 -8.27
N ALA A 225 -2.92 -21.06 -7.66
CA ALA A 225 -2.07 -20.09 -8.35
C ALA A 225 -1.48 -20.64 -9.64
N SER A 226 -1.23 -21.95 -9.68
CA SER A 226 -0.72 -22.56 -10.91
C SER A 226 -1.63 -22.29 -12.09
N GLU A 227 -2.95 -22.31 -11.84
CA GLU A 227 -3.94 -22.11 -12.89
C GLU A 227 -4.07 -20.66 -13.33
N ILE A 228 -3.61 -19.70 -12.51
CA ILE A 228 -3.89 -18.27 -12.75
C ILE A 228 -3.39 -17.83 -14.12
N SER A 229 -2.15 -18.19 -14.46
CA SER A 229 -1.56 -17.66 -15.68
C SER A 229 -2.36 -18.06 -16.92
N SER A 230 -2.91 -19.28 -16.92
CA SER A 230 -3.66 -19.73 -18.10
C SER A 230 -5.05 -19.12 -18.14
N ILE A 231 -5.64 -18.87 -16.98
CA ILE A 231 -6.95 -18.23 -16.92
C ILE A 231 -6.88 -16.83 -17.51
N LEU A 232 -5.89 -16.03 -17.06
CA LEU A 232 -5.69 -14.71 -17.64
C LEU A 232 -5.34 -14.78 -19.11
N GLU A 233 -4.77 -15.91 -19.55
CA GLU A 233 -4.45 -16.05 -20.96
C GLU A 233 -5.69 -16.32 -21.78
N LYS A 234 -6.63 -17.10 -21.24
CA LYS A 234 -7.92 -17.37 -21.89
C LYS A 234 -8.82 -16.13 -21.98
N GLY A 235 -8.41 -14.99 -21.42
CA GLY A 235 -9.22 -13.79 -21.43
C GLY A 235 -9.99 -13.54 -20.14
N GLU A 236 -9.95 -14.48 -19.21
CA GLU A 236 -10.73 -14.34 -18.00
C GLU A 236 -10.18 -13.23 -17.09
N ARG A 237 -11.10 -12.58 -16.36
CA ARG A 237 -10.74 -11.53 -15.40
C ARG A 237 -11.68 -11.62 -14.22
N LEU A 238 -11.34 -10.89 -13.16
CA LEU A 238 -12.18 -10.83 -11.98
C LEU A 238 -13.53 -10.22 -12.34
N PRO A 239 -14.62 -10.69 -11.75
CA PRO A 239 -15.95 -10.23 -12.15
C PRO A 239 -16.30 -8.85 -11.59
N GLN A 240 -17.30 -8.24 -12.21
CA GLN A 240 -17.81 -6.94 -11.80
C GLN A 240 -18.42 -6.98 -10.42
N PRO A 241 -17.94 -6.20 -9.46
CA PRO A 241 -18.48 -6.27 -8.12
C PRO A 241 -19.90 -5.74 -8.10
N PRO A 242 -20.76 -6.30 -7.27
CA PRO A 242 -22.13 -5.82 -7.11
C PRO A 242 -22.32 -4.30 -7.02
N ILE A 243 -21.58 -3.61 -6.14
CA ILE A 243 -21.83 -2.18 -5.99
C ILE A 243 -21.33 -1.34 -7.15
N CYS A 244 -20.68 -1.94 -8.15
CA CYS A 244 -19.94 -1.17 -9.15
C CYS A 244 -20.80 -0.89 -10.37
N THR A 245 -20.94 0.39 -10.71
CA THR A 245 -21.44 0.75 -12.02
C THR A 245 -20.43 0.32 -13.09
N ILE A 246 -20.90 0.32 -14.35
CA ILE A 246 -19.99 -0.04 -15.42
C ILE A 246 -18.85 0.97 -15.51
N ASP A 247 -19.08 2.24 -15.14
CA ASP A 247 -17.99 3.22 -15.17
C ASP A 247 -16.82 2.79 -14.29
N VAL A 248 -17.11 2.43 -13.05
CA VAL A 248 -16.04 2.03 -12.14
C VAL A 248 -15.40 0.72 -12.61
N TYR A 249 -16.23 -0.27 -12.96
CA TYR A 249 -15.70 -1.58 -13.32
C TYR A 249 -14.83 -1.49 -14.56
N MET A 250 -15.19 -0.65 -15.51
CA MET A 250 -14.43 -0.54 -16.75
C MET A 250 -13.04 0.04 -16.48
N ILE A 251 -12.93 0.95 -15.52
CA ILE A 251 -11.60 1.42 -15.12
C ILE A 251 -10.74 0.25 -14.65
N MET A 252 -11.31 -0.62 -13.81
CA MET A 252 -10.58 -1.79 -13.35
C MET A 252 -10.16 -2.67 -14.52
N VAL A 253 -11.11 -2.95 -15.42
CA VAL A 253 -10.84 -3.81 -16.56
C VAL A 253 -9.69 -3.27 -17.41
N LYS A 254 -9.59 -1.95 -17.54
CA LYS A 254 -8.46 -1.33 -18.25
C LYS A 254 -7.12 -1.57 -17.54
N CYS A 255 -7.13 -1.72 -16.22
CA CYS A 255 -5.88 -2.02 -15.53
C CYS A 255 -5.38 -3.41 -15.85
N TRP A 256 -6.17 -4.21 -16.57
CA TRP A 256 -5.89 -5.61 -16.82
C TRP A 256 -5.72 -5.90 -18.30
N MET A 257 -5.47 -4.88 -19.12
CA MET A 257 -5.14 -5.11 -20.52
C MET A 257 -3.87 -5.94 -20.65
N ILE A 258 -3.86 -6.82 -21.65
CA ILE A 258 -2.64 -7.55 -21.96
C ILE A 258 -1.53 -6.58 -22.34
N ASP A 259 -1.84 -5.60 -23.18
CA ASP A 259 -0.81 -4.65 -23.60
C ASP A 259 -0.60 -3.64 -22.47
N ALA A 260 0.56 -3.72 -21.82
CA ALA A 260 0.82 -2.92 -20.62
C ALA A 260 0.68 -1.42 -20.89
N ASP A 261 1.06 -0.97 -22.09
CA ASP A 261 0.98 0.44 -22.43
C ASP A 261 -0.46 0.92 -22.64
N SER A 262 -1.41 0.00 -22.82
CA SER A 262 -2.81 0.36 -22.92
C SER A 262 -3.44 0.62 -21.55
N ARG A 263 -2.81 0.15 -20.47
CA ARG A 263 -3.37 0.37 -19.16
C ARG A 263 -3.27 1.85 -18.80
N PRO A 264 -4.12 2.32 -17.88
CA PRO A 264 -4.04 3.73 -17.48
C PRO A 264 -2.78 4.04 -16.69
N LYS A 265 -2.38 5.30 -16.76
CA LYS A 265 -1.36 5.80 -15.87
C LYS A 265 -1.97 6.16 -14.52
N PHE A 266 -1.15 6.08 -13.47
CA PHE A 266 -1.62 6.48 -12.15
C PHE A 266 -2.13 7.92 -12.16
N ARG A 267 -1.47 8.82 -12.91
CA ARG A 267 -1.93 10.21 -12.95
C ARG A 267 -3.35 10.31 -13.51
N GLU A 268 -3.75 9.36 -14.34
CA GLU A 268 -5.09 9.38 -14.92
C GLU A 268 -6.10 8.73 -14.00
N LEU A 269 -5.68 7.66 -13.32
CA LEU A 269 -6.52 7.06 -12.29
C LEU A 269 -6.90 8.09 -11.24
N ILE A 270 -5.94 8.92 -10.82
CA ILE A 270 -6.25 10.02 -9.90
C ILE A 270 -7.39 10.86 -10.45
N ILE A 271 -7.31 11.22 -11.74
CA ILE A 271 -8.29 12.14 -12.29
C ILE A 271 -9.65 11.45 -12.42
N GLU A 272 -9.69 10.25 -12.98
CA GLU A 272 -10.97 9.57 -13.16
C GLU A 272 -11.68 9.34 -11.82
N PHE A 273 -10.96 8.79 -10.82
CA PHE A 273 -11.60 8.58 -9.53
C PHE A 273 -11.91 9.89 -8.82
N SER A 274 -11.10 10.95 -9.02
CA SER A 274 -11.45 12.26 -8.47
C SER A 274 -12.79 12.74 -8.98
N LYS A 275 -13.03 12.62 -10.27
CA LYS A 275 -14.31 13.07 -10.80
C LYS A 275 -15.44 12.27 -10.18
N MET A 276 -15.27 10.95 -10.07
CA MET A 276 -16.30 10.10 -9.50
C MET A 276 -16.53 10.41 -8.03
N ALA A 277 -15.46 10.72 -7.28
CA ALA A 277 -15.64 11.02 -5.87
C ALA A 277 -16.41 12.30 -5.63
N ARG A 278 -16.56 13.16 -6.63
CA ARG A 278 -17.39 14.34 -6.48
C ARG A 278 -18.88 14.05 -6.57
N ASP A 279 -19.27 12.87 -7.07
CA ASP A 279 -20.67 12.41 -7.03
C ASP A 279 -20.67 10.92 -6.78
N PRO A 280 -20.33 10.49 -5.55
CA PRO A 280 -20.09 9.06 -5.32
C PRO A 280 -21.27 8.16 -5.65
N GLN A 281 -22.50 8.58 -5.34
CA GLN A 281 -23.66 7.72 -5.53
C GLN A 281 -23.99 7.50 -7.01
N ARG A 282 -23.53 8.38 -7.89
CA ARG A 282 -23.67 8.13 -9.32
C ARG A 282 -22.79 6.99 -9.82
N TYR A 283 -21.79 6.56 -9.03
CA TYR A 283 -20.81 5.60 -9.51
C TYR A 283 -20.68 4.34 -8.67
N LEU A 284 -21.09 4.37 -7.40
CA LEU A 284 -21.14 3.17 -6.57
C LEU A 284 -22.53 3.09 -5.95
N VAL A 285 -23.12 1.89 -5.98
CA VAL A 285 -24.49 1.69 -5.53
C VAL A 285 -24.44 0.81 -4.29
N ILE A 286 -24.62 1.43 -3.14
CA ILE A 286 -24.41 0.80 -1.84
C ILE A 286 -25.64 1.04 -0.98
N GLN A 287 -26.19 -0.03 -0.39
CA GLN A 287 -27.44 0.07 0.37
C GLN A 287 -27.22 0.88 1.64
N GLY A 288 -27.79 2.07 1.67
CA GLY A 288 -27.75 2.84 2.90
C GLY A 288 -26.72 3.95 2.93
N ASP A 289 -26.52 4.66 1.84
CA ASP A 289 -25.59 5.79 1.88
C ASP A 289 -26.17 6.98 2.66
N ASP A 311 0.72 11.05 29.97
CA ASP A 311 0.44 9.88 29.13
C ASP A 311 -0.22 10.31 27.82
N MET A 312 -0.79 11.51 27.83
CA MET A 312 -1.63 11.98 26.73
C MET A 312 -1.23 13.39 26.30
N ASP A 313 -0.74 14.19 27.24
CA ASP A 313 -0.16 15.48 26.87
C ASP A 313 1.10 15.26 26.04
N ASP A 314 1.37 16.22 25.16
CA ASP A 314 2.57 16.24 24.33
C ASP A 314 2.61 15.11 23.29
N VAL A 315 1.50 14.41 23.08
CA VAL A 315 1.42 13.43 22.01
C VAL A 315 1.29 14.15 20.66
N VAL A 316 2.08 13.72 19.68
CA VAL A 316 2.18 14.36 18.37
C VAL A 316 2.24 13.27 17.30
N ASP A 317 1.39 13.39 16.29
CA ASP A 317 1.46 12.44 15.18
C ASP A 317 2.74 12.66 14.38
N ALA A 318 3.26 11.56 13.82
CA ALA A 318 4.49 11.63 13.03
C ALA A 318 4.36 12.65 11.89
N ASP A 319 3.20 12.73 11.25
CA ASP A 319 3.03 13.71 10.16
C ASP A 319 3.14 15.17 10.62
N GLU A 320 3.24 15.45 11.92
CA GLU A 320 3.53 16.80 12.38
C GLU A 320 4.86 16.91 13.10
N TYR A 321 5.67 15.87 13.06
CA TYR A 321 7.01 15.90 13.62
C TYR A 321 8.01 15.84 12.45
N LEU A 322 8.50 16.99 12.02
CA LEU A 322 9.27 17.08 10.78
C LEU A 322 10.74 17.35 11.06
C10 A1CNG B . -0.57 -0.76 12.31
C17 A1CNG B . 5.54 -1.50 9.73
C20 A1CNG B . 5.88 -2.10 7.04
C21 A1CNG B . 4.66 -2.34 7.65
C01 A1CNG B . -2.12 -4.62 11.77
C02 A1CNG B . -2.79 -3.75 12.83
C04 A1CNG B . -1.03 -2.12 12.32
C05 A1CNG B . -0.33 -3.10 11.70
C07 A1CNG B . 0.89 -2.79 11.03
C08 A1CNG B . 1.36 -1.44 11.02
C09 A1CNG B . 0.66 -0.45 11.64
C12 A1CNG B . 2.33 1.09 10.94
C14 A1CNG B . 2.56 -1.15 10.34
C16 A1CNG B . 4.50 -2.04 9.01
C18 A1CNG B . 6.76 -1.25 9.11
C19 A1CNG B . 6.93 -1.55 7.76
F23 A1CNG B . 5.37 -1.23 11.07
N11 A1CNG B . 1.16 0.84 11.61
N13 A1CNG B . 3.02 0.09 10.31
N15 A1CNG B . 3.25 -2.28 9.70
O03 A1CNG B . -2.27 -2.42 13.00
O06 A1CNG B . -0.75 -4.45 11.67
BR22 A1CNG B . 8.20 -0.47 10.16
#